data_4LGR
#
_entry.id   4LGR
#
_cell.length_a   61.345
_cell.length_b   77.423
_cell.length_c   121.805
_cell.angle_alpha   90.000
_cell.angle_beta   90.000
_cell.angle_gamma   90.000
#
_symmetry.space_group_name_H-M   'P 21 21 21'
#
loop_
_entity.id
_entity.type
_entity.pdbx_description
1 polymer Ricin
2 polymer 'Camelid nanobody (VHH3)'
3 non-polymer 'ZINC ION'
4 non-polymer 'ACETIC ACID'
5 non-polymer 'CHLORIDE ION'
6 non-polymer 1,2-ETHANEDIOL
7 water water
#
loop_
_entity_poly.entity_id
_entity_poly.type
_entity_poly.pdbx_seq_one_letter_code
_entity_poly.pdbx_strand_id
1 'polypeptide(L)'
;QYPIINFTTAGATVQSYTNFIRAVRGRLTTGADVRHEIPVLPNRVGLPINQRFILVELSNHAELSVTLALDVTNAYVVGY
RAGNSAYFFHPDNQEDAEAITHLFTDVQNRYTFAFGGNYDRLEQLAGNLRENIELGNGPLEEAISALYYYSTGGTQLPTL
ARSFIICIQMISEAARFQYIEGEMRTRIRYNRRSAPDPSVITLENSWGRLSTAIQESNQGAFASPIQLQRRNGSKFSVYD
VSILIPIIALMVYRC
;
A
2 'polypeptide(L)'
;VQLVESGGGLVQPGGSLRLHCAASGSIASIYRTCWYRQGTGKQRELVAAITSGGNTYYADSVKGRFTISRDNAKNTIDLQ
MNSLKPEDTAVYYCNADEAGIGGFNDYWGQGTQVTVSSAHHS
;
B
#
loop_
_chem_comp.id
_chem_comp.type
_chem_comp.name
_chem_comp.formula
ACY non-polymer 'ACETIC ACID' 'C2 H4 O2'
CL non-polymer 'CHLORIDE ION' 'Cl -1'
EDO non-polymer 1,2-ETHANEDIOL 'C2 H6 O2'
ZN non-polymer 'ZINC ION' 'Zn 2'
#
# COMPACT_ATOMS: atom_id res chain seq x y z
N GLN A 1 20.68 9.27 8.56
CA GLN A 1 19.62 8.66 7.75
C GLN A 1 20.15 7.48 6.93
N TYR A 2 19.31 6.47 6.77
CA TYR A 2 19.63 5.32 5.94
C TYR A 2 19.74 5.77 4.49
N PRO A 3 20.41 4.98 3.64
CA PRO A 3 20.55 5.33 2.22
C PRO A 3 19.19 5.42 1.55
N ILE A 4 19.04 6.38 0.64
CA ILE A 4 17.77 6.58 -0.07
C ILE A 4 17.99 6.44 -1.58
N ILE A 5 17.11 5.70 -2.24
CA ILE A 5 17.11 5.61 -3.70
C ILE A 5 15.78 6.17 -4.18
N ASN A 6 15.84 7.11 -5.14
CA ASN A 6 14.65 7.75 -5.68
C ASN A 6 14.20 7.13 -7.00
N PHE A 7 12.89 7.04 -7.20
CA PHE A 7 12.32 6.66 -8.48
C PHE A 7 11.05 7.47 -8.71
N THR A 8 10.80 7.90 -9.94
CA THR A 8 9.52 8.55 -10.25
C THR A 8 8.85 7.86 -11.42
N THR A 9 7.53 7.69 -11.33
CA THR A 9 6.76 7.16 -12.45
C THR A 9 6.55 8.22 -13.53
N ALA A 10 6.83 9.48 -13.24
CA ALA A 10 6.64 10.55 -14.22
C ALA A 10 7.76 10.53 -15.25
N GLY A 11 7.40 10.14 -16.48
CA GLY A 11 8.36 10.05 -17.57
C GLY A 11 9.26 8.83 -17.44
N ALA A 12 8.80 7.83 -16.70
CA ALA A 12 9.61 6.63 -16.51
C ALA A 12 9.89 5.94 -17.82
N THR A 13 11.11 5.39 -17.97
CA THR A 13 11.49 4.66 -19.18
C THR A 13 12.08 3.32 -18.75
N VAL A 14 12.34 2.44 -19.72
CA VAL A 14 13.01 1.18 -19.37
C VAL A 14 14.35 1.45 -18.69
N GLN A 15 15.09 2.43 -19.22
CA GLN A 15 16.38 2.78 -18.66
C GLN A 15 16.29 3.32 -17.24
N SER A 16 15.35 4.21 -16.99
CA SER A 16 15.25 4.79 -15.65
C SER A 16 14.82 3.75 -14.62
N TYR A 17 13.95 2.84 -15.02
CA TYR A 17 13.56 1.76 -14.12
C TYR A 17 14.75 0.80 -13.89
N THR A 18 15.44 0.47 -14.98
CA THR A 18 16.64 -0.35 -14.87
C THR A 18 17.67 0.26 -13.90
N ASN A 19 17.95 1.56 -14.06
CA ASN A 19 18.88 2.27 -13.18
C ASN A 19 18.44 2.20 -11.73
N PHE A 20 17.14 2.35 -11.52
CA PHE A 20 16.56 2.29 -10.19
C PHE A 20 16.78 0.92 -9.53
N ILE A 21 16.41 -0.15 -10.22
CA ILE A 21 16.53 -1.48 -9.63
C ILE A 21 18.00 -1.84 -9.39
N ARG A 22 18.88 -1.44 -10.31
CA ARG A 22 20.31 -1.66 -10.10
C ARG A 22 20.84 -0.93 -8.86
N ALA A 23 20.38 0.30 -8.67
CA ALA A 23 20.75 1.09 -7.49
C ALA A 23 20.22 0.44 -6.21
N VAL A 24 18.98 -0.06 -6.26
CA VAL A 24 18.43 -0.74 -5.09
C VAL A 24 19.29 -1.97 -4.77
N ARG A 25 19.53 -2.82 -5.76
CA ARG A 25 20.35 -4.02 -5.54
C ARG A 25 21.73 -3.63 -4.98
N GLY A 26 22.25 -2.48 -5.42
CA GLY A 26 23.54 -1.99 -4.98
C GLY A 26 23.57 -1.55 -3.53
N ARG A 27 22.48 -0.99 -3.05
CA ARG A 27 22.38 -0.59 -1.64
C ARG A 27 22.05 -1.77 -0.75
N LEU A 28 21.45 -2.81 -1.32
CA LEU A 28 21.10 -4.01 -0.57
C LEU A 28 22.35 -4.84 -0.25
N THR A 29 23.26 -4.90 -1.22
CA THR A 29 24.45 -5.76 -1.10
C THR A 29 25.75 -4.95 -0.95
N ALA A 32 29.35 -8.50 -3.95
CA ALA A 32 30.66 -9.16 -3.92
C ALA A 32 30.60 -10.49 -3.17
N ASP A 33 29.78 -10.56 -2.12
CA ASP A 33 29.62 -11.81 -1.38
C ASP A 33 28.65 -12.70 -2.13
N VAL A 34 29.19 -13.77 -2.70
CA VAL A 34 28.45 -14.58 -3.66
C VAL A 34 28.56 -16.07 -3.33
N ARG A 35 27.43 -16.78 -3.40
CA ARG A 35 27.43 -18.23 -3.31
C ARG A 35 27.05 -18.84 -4.65
N HIS A 36 27.97 -19.59 -5.24
CA HIS A 36 27.78 -20.16 -6.58
C HIS A 36 27.33 -19.10 -7.59
N GLU A 37 28.00 -17.95 -7.59
CA GLU A 37 27.80 -16.90 -8.60
C GLU A 37 26.62 -15.98 -8.33
N ILE A 38 25.93 -16.19 -7.22
CA ILE A 38 24.76 -15.36 -6.89
C ILE A 38 24.96 -14.62 -5.57
N PRO A 39 24.78 -13.29 -5.58
CA PRO A 39 25.02 -12.52 -4.36
C PRO A 39 24.09 -12.94 -3.23
N VAL A 40 24.64 -12.92 -2.02
CA VAL A 40 23.85 -13.21 -0.83
C VAL A 40 23.64 -11.91 -0.06
N LEU A 41 22.43 -11.70 0.42
CA LEU A 41 22.13 -10.56 1.28
C LEU A 41 22.88 -10.71 2.61
N PRO A 42 23.08 -9.61 3.34
CA PRO A 42 23.83 -9.70 4.59
C PRO A 42 23.13 -10.58 5.60
N ASN A 43 23.93 -11.30 6.38
CA ASN A 43 23.45 -12.07 7.50
C ASN A 43 22.92 -11.12 8.58
N ARG A 44 21.68 -11.35 9.01
CA ARG A 44 21.06 -10.59 10.09
C ARG A 44 21.91 -10.65 11.37
N VAL A 45 22.57 -11.77 11.59
CA VAL A 45 23.44 -11.90 12.76
C VAL A 45 24.74 -11.17 12.49
N GLY A 46 24.98 -10.06 13.21
CA GLY A 46 26.17 -9.26 13.00
C GLY A 46 25.90 -7.97 12.23
N LEU A 47 24.67 -7.79 11.79
CA LEU A 47 24.32 -6.59 11.02
C LEU A 47 23.92 -5.45 11.96
N PRO A 48 24.73 -4.40 12.01
CA PRO A 48 24.41 -3.29 12.92
C PRO A 48 23.11 -2.61 12.50
N ILE A 49 22.39 -2.08 13.48
CA ILE A 49 21.09 -1.49 13.20
C ILE A 49 21.19 -0.31 12.22
N ASN A 50 22.32 0.39 12.22
CA ASN A 50 22.50 1.50 11.28
C ASN A 50 22.75 1.07 9.83
N GLN A 51 22.81 -0.23 9.60
CA GLN A 51 22.95 -0.78 8.25
C GLN A 51 21.78 -1.70 7.92
N ARG A 52 20.74 -1.67 8.73
CA ARG A 52 19.68 -2.68 8.61
C ARG A 52 18.66 -2.40 7.50
N PHE A 53 18.50 -1.13 7.13
CA PHE A 53 17.43 -0.75 6.22
C PHE A 53 17.96 0.13 5.09
N ILE A 54 17.22 0.14 3.99
CA ILE A 54 17.41 1.15 2.95
C ILE A 54 16.04 1.76 2.65
N LEU A 55 16.05 2.96 2.07
CA LEU A 55 14.80 3.69 1.85
C LEU A 55 14.61 3.90 0.35
N VAL A 56 13.40 3.66 -0.12
CA VAL A 56 13.06 3.88 -1.52
C VAL A 56 12.00 4.96 -1.60
N GLU A 57 12.38 6.10 -2.16
CA GLU A 57 11.42 7.21 -2.24
C GLU A 57 10.79 7.23 -3.63
N LEU A 58 9.47 7.05 -3.67
CA LEU A 58 8.74 6.95 -4.92
C LEU A 58 7.91 8.21 -5.11
N SER A 59 7.97 8.77 -6.31
CA SER A 59 7.14 9.93 -6.66
C SER A 59 6.34 9.63 -7.93
N ASN A 60 5.26 10.36 -8.15
CA ASN A 60 4.44 10.17 -9.36
C ASN A 60 4.08 11.48 -10.06
N HIS A 61 3.20 11.42 -11.07
CA HIS A 61 2.86 12.61 -11.85
C HIS A 61 2.20 13.68 -11.01
N ALA A 62 1.52 13.24 -9.96
CA ALA A 62 0.79 14.15 -9.09
C ALA A 62 1.75 14.77 -8.09
N GLU A 63 3.03 14.40 -8.21
CA GLU A 63 4.07 14.95 -7.37
C GLU A 63 3.84 14.62 -5.89
N LEU A 64 3.17 13.49 -5.65
CA LEU A 64 3.08 12.94 -4.31
C LEU A 64 4.27 12.00 -4.13
N SER A 65 4.78 11.89 -2.91
CA SER A 65 5.89 10.97 -2.63
C SER A 65 5.62 10.14 -1.39
N VAL A 66 6.05 8.90 -1.42
CA VAL A 66 6.05 8.07 -0.22
C VAL A 66 7.42 7.43 -0.14
N THR A 67 7.85 7.03 1.05
CA THR A 67 9.16 6.41 1.18
C THR A 67 8.98 5.04 1.81
N LEU A 68 9.38 4.00 1.06
CA LEU A 68 9.27 2.64 1.56
C LEU A 68 10.56 2.29 2.29
N ALA A 69 10.46 1.50 3.35
CA ALA A 69 11.63 1.02 4.06
C ALA A 69 11.77 -0.46 3.78
N LEU A 70 12.93 -0.87 3.24
CA LEU A 70 13.21 -2.27 2.97
C LEU A 70 14.27 -2.81 3.94
N ASP A 71 14.04 -4.03 4.42
CA ASP A 71 15.02 -4.71 5.26
C ASP A 71 16.11 -5.31 4.36
N VAL A 72 17.38 -4.97 4.60
CA VAL A 72 18.42 -5.43 3.69
C VAL A 72 18.66 -6.94 3.80
N THR A 73 18.19 -7.57 4.88
CA THR A 73 18.43 -9.01 5.03
C THR A 73 17.53 -9.84 4.12
N ASN A 74 16.42 -9.26 3.67
CA ASN A 74 15.51 -10.00 2.79
C ASN A 74 14.92 -9.19 1.63
N ALA A 75 15.33 -7.93 1.51
CA ALA A 75 14.88 -7.03 0.45
C ALA A 75 13.41 -6.65 0.51
N TYR A 76 12.75 -7.01 1.61
CA TYR A 76 11.30 -6.84 1.66
C TYR A 76 10.89 -5.56 2.39
N VAL A 77 9.71 -5.06 2.04
CA VAL A 77 9.19 -3.83 2.60
C VAL A 77 8.68 -4.10 4.02
N VAL A 78 9.08 -3.26 4.96
CA VAL A 78 8.63 -3.38 6.35
C VAL A 78 7.66 -2.28 6.76
N GLY A 79 7.59 -1.21 5.97
CA GLY A 79 6.75 -0.09 6.34
C GLY A 79 7.01 1.07 5.40
N TYR A 80 6.37 2.19 5.65
CA TYR A 80 6.57 3.36 4.80
C TYR A 80 6.21 4.65 5.51
N ARG A 81 6.69 5.76 4.95
CA ARG A 81 6.40 7.10 5.45
C ARG A 81 5.66 7.87 4.37
N ALA A 82 4.63 8.60 4.77
CA ALA A 82 3.99 9.60 3.92
C ALA A 82 3.76 10.86 4.74
N GLY A 83 4.37 11.96 4.33
CA GLY A 83 4.23 13.20 5.06
C GLY A 83 4.67 13.06 6.51
N ASN A 84 3.78 13.42 7.43
CA ASN A 84 4.11 13.38 8.86
C ASN A 84 3.79 12.07 9.58
N SER A 85 3.58 11.00 8.82
CA SER A 85 3.14 9.72 9.38
C SER A 85 3.94 8.55 8.84
N ALA A 86 4.13 7.53 9.68
CA ALA A 86 4.76 6.29 9.25
C ALA A 86 3.90 5.09 9.66
N TYR A 87 3.94 4.05 8.83
CA TYR A 87 3.11 2.84 8.95
C TYR A 87 3.97 1.61 8.80
N PHE A 88 3.81 0.64 9.70
CA PHE A 88 4.61 -0.57 9.67
C PHE A 88 3.77 -1.84 9.72
N PHE A 89 4.17 -2.83 8.92
CA PHE A 89 3.53 -4.14 9.03
C PHE A 89 3.77 -4.68 10.44
N HIS A 90 2.82 -5.46 10.92
CA HIS A 90 2.94 -6.06 12.25
C HIS A 90 4.20 -6.91 12.31
N PRO A 91 5.10 -6.62 13.26
CA PRO A 91 6.36 -7.37 13.35
C PRO A 91 6.16 -8.82 13.81
N ASP A 92 7.01 -9.72 13.30
CA ASP A 92 6.90 -11.14 13.63
C ASP A 92 7.45 -11.47 15.02
N ASN A 93 8.36 -10.64 15.52
CA ASN A 93 9.00 -10.90 16.80
C ASN A 93 9.45 -9.61 17.48
N GLN A 94 9.88 -9.73 18.72
CA GLN A 94 10.28 -8.56 19.51
C GLN A 94 11.49 -7.84 18.93
N GLU A 95 12.46 -8.59 18.41
CA GLU A 95 13.66 -8.00 17.83
C GLU A 95 13.32 -7.14 16.62
N ASP A 96 12.44 -7.64 15.76
CA ASP A 96 12.00 -6.86 14.60
C ASP A 96 11.22 -5.63 15.03
N ALA A 97 10.37 -5.77 16.04
CA ALA A 97 9.60 -4.62 16.52
C ALA A 97 10.55 -3.54 17.03
N GLU A 98 11.62 -3.94 17.72
CA GLU A 98 12.58 -2.95 18.21
C GLU A 98 13.29 -2.29 17.03
N ALA A 99 13.68 -3.09 16.04
CA ALA A 99 14.41 -2.58 14.90
C ALA A 99 13.68 -1.46 14.18
N ILE A 100 12.38 -1.62 13.98
CA ILE A 100 11.65 -0.65 13.18
C ILE A 100 11.48 0.67 13.94
N THR A 101 11.71 0.67 15.25
CA THR A 101 11.69 1.95 15.96
C THR A 101 12.82 2.87 15.48
N HIS A 102 13.74 2.32 14.70
CA HIS A 102 14.86 3.12 14.20
C HIS A 102 14.56 3.80 12.86
N LEU A 103 13.38 3.52 12.33
CA LEU A 103 12.94 4.06 11.04
C LEU A 103 12.04 5.27 11.23
N PHE A 104 12.25 6.30 10.41
CA PHE A 104 11.34 7.44 10.34
C PHE A 104 11.12 8.05 11.75
N THR A 105 12.22 8.33 12.45
CA THR A 105 12.14 8.66 13.87
C THR A 105 11.55 10.04 14.12
N ASP A 106 11.55 10.89 13.11
CA ASP A 106 11.08 12.26 13.26
C ASP A 106 9.60 12.45 12.89
N VAL A 107 8.89 11.39 12.51
CA VAL A 107 7.48 11.55 12.13
C VAL A 107 6.64 11.81 13.37
N GLN A 108 5.55 12.55 13.18
CA GLN A 108 4.67 12.93 14.28
C GLN A 108 3.77 11.76 14.68
N ASN A 109 3.34 10.99 13.69
CA ASN A 109 2.42 9.88 13.90
C ASN A 109 3.03 8.54 13.47
N ARG A 110 3.06 7.57 14.37
CA ARG A 110 3.51 6.22 14.01
C ARG A 110 2.43 5.19 14.27
N TYR A 111 2.23 4.31 13.29
CA TYR A 111 1.20 3.29 13.41
C TYR A 111 1.76 1.91 13.05
N THR A 112 1.27 0.90 13.75
CA THR A 112 1.58 -0.47 13.38
C THR A 112 0.29 -1.14 12.94
N PHE A 113 0.31 -1.74 11.75
CA PHE A 113 -0.84 -2.48 11.26
C PHE A 113 -1.12 -3.76 12.06
N ALA A 114 -2.37 -4.19 12.02
CA ALA A 114 -2.80 -5.41 12.67
C ALA A 114 -2.64 -6.61 11.73
N PHE A 115 -1.84 -6.42 10.69
CA PHE A 115 -1.55 -7.50 9.75
C PHE A 115 -0.09 -7.44 9.33
N GLY A 116 0.46 -8.58 8.93
CA GLY A 116 1.81 -8.64 8.39
C GLY A 116 1.81 -8.37 6.90
N GLY A 117 3.00 -8.25 6.32
CA GLY A 117 3.12 -7.90 4.90
C GLY A 117 3.27 -9.09 3.96
N ASN A 118 2.89 -10.28 4.38
CA ASN A 118 2.98 -11.45 3.50
C ASN A 118 1.83 -11.49 2.49
N TYR A 119 2.11 -11.96 1.27
CA TYR A 119 1.11 -11.91 0.20
C TYR A 119 -0.19 -12.61 0.56
N ASP A 120 -0.11 -13.80 1.13
CA ASP A 120 -1.32 -14.57 1.42
C ASP A 120 -2.30 -13.72 2.24
N ARG A 121 -1.79 -12.90 3.14
CA ARG A 121 -2.65 -12.06 3.98
C ARG A 121 -3.05 -10.79 3.25
N LEU A 122 -2.09 -10.15 2.60
CA LEU A 122 -2.39 -8.94 1.86
C LEU A 122 -3.46 -9.18 0.80
N GLU A 123 -3.42 -10.35 0.17
CA GLU A 123 -4.39 -10.64 -0.90
C GLU A 123 -5.79 -10.69 -0.32
N GLN A 124 -5.91 -11.29 0.86
CA GLN A 124 -7.20 -11.33 1.52
C GLN A 124 -7.70 -9.92 1.79
N LEU A 125 -6.83 -9.08 2.34
CA LEU A 125 -7.24 -7.72 2.70
C LEU A 125 -7.53 -6.89 1.45
N ALA A 126 -6.76 -7.13 0.39
CA ALA A 126 -6.97 -6.42 -0.88
C ALA A 126 -8.23 -6.87 -1.62
N GLY A 127 -8.73 -8.05 -1.30
CA GLY A 127 -9.87 -8.59 -2.03
C GLY A 127 -9.49 -9.04 -3.43
N ASN A 128 -8.20 -9.34 -3.63
CA ASN A 128 -7.74 -9.89 -4.90
C ASN A 128 -6.42 -10.65 -4.75
N LEU A 129 -6.30 -11.74 -5.49
CA LEU A 129 -5.03 -12.46 -5.63
C LEU A 129 -4.06 -11.69 -6.51
N ARG A 130 -2.77 -11.94 -6.30
CA ARG A 130 -1.75 -11.38 -7.15
C ARG A 130 -2.07 -11.62 -8.61
N GLU A 131 -2.65 -12.78 -8.89
CA GLU A 131 -2.99 -13.17 -10.25
C GLU A 131 -3.98 -12.20 -10.91
N ASN A 132 -4.66 -11.40 -10.11
CA ASN A 132 -5.69 -10.49 -10.64
C ASN A 132 -5.41 -9.03 -10.34
N ILE A 133 -4.15 -8.72 -10.06
CA ILE A 133 -3.75 -7.35 -9.76
C ILE A 133 -2.73 -6.91 -10.79
N GLU A 134 -3.08 -5.93 -11.61
CA GLU A 134 -2.20 -5.49 -12.68
C GLU A 134 -0.95 -4.79 -12.18
N LEU A 135 0.18 -5.05 -12.85
CA LEU A 135 1.44 -4.39 -12.54
C LEU A 135 1.87 -3.57 -13.75
N GLY A 136 2.71 -2.57 -13.51
CA GLY A 136 3.16 -1.70 -14.59
C GLY A 136 3.27 -0.28 -14.11
N ASN A 137 3.59 0.65 -15.00
CA ASN A 137 3.81 2.02 -14.55
C ASN A 137 2.55 2.67 -14.03
N GLY A 138 1.43 2.44 -14.71
CA GLY A 138 0.14 2.93 -14.27
C GLY A 138 -0.26 2.46 -12.88
N PRO A 139 -0.26 1.13 -12.67
CA PRO A 139 -0.52 0.60 -11.33
C PRO A 139 0.40 1.22 -10.27
N LEU A 140 1.67 1.41 -10.59
CA LEU A 140 2.60 1.92 -9.59
C LEU A 140 2.27 3.39 -9.26
N GLU A 141 1.97 4.15 -10.30
CA GLU A 141 1.56 5.54 -10.10
C GLU A 141 0.35 5.62 -9.16
N GLU A 142 -0.64 4.77 -9.42
CA GLU A 142 -1.85 4.73 -8.60
C GLU A 142 -1.59 4.25 -7.16
N ALA A 143 -0.68 3.29 -7.00
CA ALA A 143 -0.32 2.78 -5.68
C ALA A 143 0.34 3.86 -4.84
N ILE A 144 1.18 4.66 -5.48
CA ILE A 144 1.88 5.73 -4.77
C ILE A 144 0.85 6.74 -4.21
N SER A 145 -0.11 7.12 -5.05
CA SER A 145 -1.15 8.04 -4.60
C SER A 145 -1.96 7.42 -3.46
N ALA A 146 -2.28 6.14 -3.60
CA ALA A 146 -3.08 5.46 -2.58
C ALA A 146 -2.34 5.37 -1.25
N LEU A 147 -1.04 5.07 -1.31
N LEU A 147 -1.05 5.05 -1.29
CA LEU A 147 -0.22 4.99 -0.10
CA LEU A 147 -0.26 5.00 -0.05
C LEU A 147 -0.14 6.35 0.58
C LEU A 147 -0.26 6.37 0.58
N TYR A 148 -0.03 7.39 -0.23
CA TYR A 148 0.03 8.73 0.30
C TYR A 148 -1.30 9.10 0.96
N TYR A 149 -2.40 8.90 0.25
CA TYR A 149 -3.68 9.31 0.79
C TYR A 149 -4.18 8.45 1.95
N TYR A 150 -3.61 7.26 2.13
CA TYR A 150 -3.95 6.50 3.32
C TYR A 150 -3.62 7.33 4.56
N SER A 151 -2.55 8.11 4.47
CA SER A 151 -2.09 8.93 5.59
C SER A 151 -3.02 10.09 5.94
N THR A 152 -3.94 10.42 5.02
CA THR A 152 -4.87 11.50 5.29
C THR A 152 -6.32 11.05 5.37
N GLY A 153 -6.54 9.74 5.30
CA GLY A 153 -7.88 9.18 5.47
C GLY A 153 -8.59 8.84 4.17
N GLY A 154 -7.94 9.13 3.05
CA GLY A 154 -8.60 9.02 1.77
C GLY A 154 -8.45 7.67 1.07
N THR A 155 -7.88 6.70 1.76
CA THR A 155 -7.68 5.36 1.19
C THR A 155 -8.27 4.26 2.08
N GLN A 156 -9.14 3.43 1.52
CA GLN A 156 -9.67 2.27 2.24
C GLN A 156 -8.63 1.16 2.32
N LEU A 157 -8.77 0.28 3.30
CA LEU A 157 -7.79 -0.81 3.49
C LEU A 157 -7.57 -1.67 2.23
N PRO A 158 -8.65 -2.12 1.58
CA PRO A 158 -8.38 -2.99 0.43
C PRO A 158 -7.49 -2.33 -0.63
N THR A 159 -7.70 -1.05 -0.88
CA THR A 159 -6.89 -0.31 -1.83
C THR A 159 -5.45 -0.18 -1.38
N LEU A 160 -5.27 0.02 -0.06
CA LEU A 160 -3.93 0.08 0.52
C LEU A 160 -3.21 -1.26 0.33
N ALA A 161 -3.91 -2.35 0.63
CA ALA A 161 -3.28 -3.67 0.55
C ALA A 161 -2.90 -3.99 -0.90
N ARG A 162 -3.81 -3.65 -1.82
CA ARG A 162 -3.53 -3.84 -3.24
C ARG A 162 -2.29 -3.04 -3.63
N SER A 163 -2.19 -1.82 -3.09
CA SER A 163 -1.06 -0.96 -3.40
C SER A 163 0.26 -1.51 -2.87
N PHE A 164 0.24 -2.13 -1.69
CA PHE A 164 1.42 -2.79 -1.16
C PHE A 164 1.83 -3.95 -2.08
N ILE A 165 0.86 -4.72 -2.54
CA ILE A 165 1.12 -5.87 -3.41
C ILE A 165 1.82 -5.39 -4.69
N ILE A 166 1.35 -4.28 -5.23
CA ILE A 166 1.98 -3.69 -6.43
C ILE A 166 3.41 -3.26 -6.15
N CYS A 167 3.61 -2.48 -5.08
CA CYS A 167 4.94 -1.95 -4.77
C CYS A 167 5.95 -3.05 -4.46
N ILE A 168 5.54 -4.02 -3.64
CA ILE A 168 6.45 -5.08 -3.24
C ILE A 168 6.93 -5.85 -4.46
N GLN A 169 6.03 -6.12 -5.39
CA GLN A 169 6.44 -6.87 -6.57
C GLN A 169 7.34 -6.06 -7.52
N MET A 170 7.02 -4.79 -7.70
CA MET A 170 7.74 -3.99 -8.68
C MET A 170 9.07 -3.49 -8.14
N ILE A 171 9.26 -3.58 -6.83
CA ILE A 171 10.50 -3.13 -6.21
C ILE A 171 11.26 -4.29 -5.58
N SER A 172 10.71 -4.87 -4.51
CA SER A 172 11.38 -5.98 -3.83
C SER A 172 11.59 -7.20 -4.73
N GLU A 173 10.55 -7.67 -5.40
CA GLU A 173 10.71 -8.90 -6.18
C GLU A 173 11.58 -8.63 -7.42
N ALA A 174 11.47 -7.42 -7.98
CA ALA A 174 12.33 -7.05 -9.10
C ALA A 174 13.80 -6.98 -8.68
N ALA A 175 14.08 -6.52 -7.47
CA ALA A 175 15.46 -6.50 -6.98
C ALA A 175 15.94 -7.93 -6.83
N ARG A 176 15.06 -8.80 -6.34
CA ARG A 176 15.42 -10.19 -6.07
C ARG A 176 15.67 -11.03 -7.33
N PHE A 177 14.92 -10.75 -8.39
CA PHE A 177 14.95 -11.57 -9.60
C PHE A 177 15.13 -10.72 -10.86
N GLN A 178 16.21 -10.92 -11.61
CA GLN A 178 16.34 -10.27 -12.92
C GLN A 178 15.17 -10.62 -13.80
N TYR A 179 14.59 -11.80 -13.59
CA TYR A 179 13.47 -12.24 -14.42
C TYR A 179 12.26 -11.34 -14.21
N ILE A 180 12.00 -11.00 -12.95
CA ILE A 180 10.85 -10.17 -12.62
C ILE A 180 11.12 -8.72 -13.01
N GLU A 181 12.36 -8.26 -12.81
CA GLU A 181 12.79 -6.97 -13.33
C GLU A 181 12.49 -6.88 -14.83
N GLY A 182 12.85 -7.92 -15.58
CA GLY A 182 12.59 -7.98 -17.01
C GLY A 182 11.12 -7.94 -17.36
N GLU A 183 10.29 -8.58 -16.53
CA GLU A 183 8.83 -8.52 -16.71
C GLU A 183 8.31 -7.09 -16.57
N MET A 184 8.88 -6.35 -15.63
CA MET A 184 8.44 -4.99 -15.40
C MET A 184 8.95 -4.07 -16.51
N ARG A 185 10.18 -4.31 -16.98
CA ARG A 185 10.73 -3.57 -18.10
C ARG A 185 9.87 -3.74 -19.36
N THR A 186 9.40 -4.96 -19.60
CA THR A 186 8.56 -5.22 -20.76
C THR A 186 7.26 -4.42 -20.71
N ARG A 187 6.66 -4.36 -19.53
CA ARG A 187 5.43 -3.59 -19.33
C ARG A 187 5.68 -2.10 -19.58
N ILE A 188 6.80 -1.59 -19.10
CA ILE A 188 7.18 -0.20 -19.36
C ILE A 188 7.44 0.04 -20.85
N ARG A 189 8.21 -0.85 -21.45
CA ARG A 189 8.59 -0.70 -22.85
C ARG A 189 7.36 -0.55 -23.76
N TYR A 190 6.32 -1.33 -23.49
CA TYR A 190 5.16 -1.38 -24.37
C TYR A 190 3.96 -0.64 -23.77
N ASN A 191 4.20 0.11 -22.71
CA ASN A 191 3.16 0.88 -22.06
C ASN A 191 1.95 0.01 -21.71
N ARG A 192 2.20 -1.08 -20.99
CA ARG A 192 1.14 -2.02 -20.68
C ARG A 192 0.97 -2.16 -19.20
N ARG A 193 -0.22 -2.59 -18.79
CA ARG A 193 -0.40 -3.02 -17.41
C ARG A 193 -1.08 -4.38 -17.47
N SER A 194 -0.57 -5.34 -16.70
CA SER A 194 -1.12 -6.69 -16.69
C SER A 194 -0.69 -7.41 -15.43
N ALA A 195 -1.49 -8.37 -15.01
CA ALA A 195 -1.16 -9.15 -13.82
C ALA A 195 -0.01 -10.10 -14.09
N PRO A 196 0.74 -10.47 -13.05
CA PRO A 196 1.86 -11.40 -13.21
C PRO A 196 1.38 -12.80 -13.56
N ASP A 197 2.08 -13.49 -14.47
CA ASP A 197 1.67 -14.84 -14.82
C ASP A 197 2.25 -15.85 -13.85
N PRO A 198 1.86 -17.13 -13.99
CA PRO A 198 2.32 -18.12 -13.01
C PRO A 198 3.84 -18.23 -12.89
N SER A 199 4.58 -17.92 -13.95
CA SER A 199 6.04 -17.99 -13.87
C SER A 199 6.55 -17.01 -12.83
N VAL A 200 5.93 -15.84 -12.77
CA VAL A 200 6.32 -14.82 -11.81
C VAL A 200 5.89 -15.17 -10.40
N ILE A 201 4.64 -15.59 -10.26
CA ILE A 201 4.09 -15.89 -8.94
C ILE A 201 4.89 -17.03 -8.29
N THR A 202 5.18 -18.08 -9.05
N THR A 202 5.18 -18.07 -9.05
CA THR A 202 5.92 -19.21 -8.48
CA THR A 202 5.90 -19.22 -8.49
C THR A 202 7.33 -18.86 -8.07
C THR A 202 7.33 -18.87 -8.10
N LEU A 203 7.99 -18.01 -8.86
CA LEU A 203 9.32 -17.51 -8.46
C LEU A 203 9.23 -16.74 -7.14
N GLU A 204 8.27 -15.83 -7.05
CA GLU A 204 8.07 -15.08 -5.82
C GLU A 204 7.88 -16.02 -4.64
N ASN A 205 7.05 -17.05 -4.85
CA ASN A 205 6.72 -17.98 -3.77
C ASN A 205 7.93 -18.82 -3.38
N SER A 206 8.84 -19.00 -4.33
CA SER A 206 9.96 -19.93 -4.17
C SER A 206 11.28 -19.27 -3.77
N TRP A 207 11.28 -17.96 -3.57
CA TRP A 207 12.53 -17.25 -3.34
C TRP A 207 13.33 -17.82 -2.15
N GLY A 208 12.64 -18.09 -1.05
CA GLY A 208 13.30 -18.65 0.12
C GLY A 208 13.83 -20.06 -0.13
N ARG A 209 13.01 -20.86 -0.80
CA ARG A 209 13.39 -22.23 -1.15
C ARG A 209 14.58 -22.27 -2.09
N LEU A 210 14.59 -21.37 -3.07
CA LEU A 210 15.72 -21.28 -3.99
C LEU A 210 16.99 -20.83 -3.28
N SER A 211 16.87 -19.83 -2.41
CA SER A 211 18.02 -19.38 -1.63
C SER A 211 18.64 -20.55 -0.88
N THR A 212 17.80 -21.38 -0.26
CA THR A 212 18.27 -22.51 0.53
C THR A 212 18.87 -23.61 -0.37
N ALA A 213 18.18 -23.92 -1.46
CA ALA A 213 18.68 -24.94 -2.39
C ALA A 213 20.04 -24.55 -2.96
N ILE A 214 20.18 -23.28 -3.34
CA ILE A 214 21.44 -22.83 -3.92
C ILE A 214 22.58 -22.91 -2.91
N GLN A 215 22.36 -22.43 -1.70
CA GLN A 215 23.45 -22.38 -0.73
C GLN A 215 23.78 -23.74 -0.13
N GLU A 216 22.81 -24.67 -0.17
CA GLU A 216 23.03 -26.03 0.33
C GLU A 216 23.45 -26.99 -0.78
N SER A 217 23.63 -26.49 -1.99
CA SER A 217 23.88 -27.37 -3.13
C SER A 217 25.23 -28.06 -3.05
N ASN A 218 25.35 -29.15 -3.80
CA ASN A 218 26.61 -29.88 -3.90
C ASN A 218 27.33 -29.41 -5.16
N GLN A 219 28.26 -28.48 -4.98
CA GLN A 219 28.97 -27.87 -6.10
C GLN A 219 28.01 -27.38 -7.18
N GLY A 220 26.88 -26.81 -6.76
CA GLY A 220 25.93 -26.24 -7.69
C GLY A 220 24.76 -27.14 -8.04
N ALA A 221 24.88 -28.41 -7.72
CA ALA A 221 23.80 -29.36 -8.01
C ALA A 221 22.86 -29.51 -6.82
N PHE A 222 21.56 -29.49 -7.10
CA PHE A 222 20.56 -29.50 -6.03
C PHE A 222 20.38 -30.90 -5.45
N ALA A 223 20.29 -30.98 -4.13
CA ALA A 223 20.04 -32.25 -3.47
C ALA A 223 18.74 -32.82 -4.01
N SER A 224 17.73 -31.96 -4.09
CA SER A 224 16.43 -32.31 -4.65
C SER A 224 15.95 -31.18 -5.57
N PRO A 225 15.30 -31.55 -6.68
CA PRO A 225 14.87 -30.54 -7.66
C PRO A 225 13.85 -29.55 -7.08
N ILE A 226 13.90 -28.31 -7.56
CA ILE A 226 12.89 -27.31 -7.24
C ILE A 226 11.94 -27.20 -8.44
N GLN A 227 10.65 -27.20 -8.16
CA GLN A 227 9.65 -27.15 -9.21
C GLN A 227 9.16 -25.73 -9.39
N LEU A 228 9.26 -25.23 -10.63
CA LEU A 228 8.79 -23.91 -10.96
C LEU A 228 7.70 -24.04 -12.03
N GLN A 229 7.08 -22.92 -12.39
CA GLN A 229 6.06 -22.92 -13.44
C GLN A 229 6.47 -22.07 -14.64
N ARG A 230 6.06 -22.50 -15.83
CA ARG A 230 6.24 -21.71 -17.04
C ARG A 230 5.13 -20.67 -17.13
N ARG A 231 5.25 -19.74 -18.07
CA ARG A 231 4.21 -18.74 -18.29
C ARG A 231 2.82 -19.36 -18.46
N ASN A 232 2.76 -20.54 -19.07
CA ASN A 232 1.48 -21.19 -19.33
C ASN A 232 1.01 -22.07 -18.18
N GLY A 233 1.72 -22.01 -17.05
CA GLY A 233 1.31 -22.76 -15.87
C GLY A 233 1.86 -24.19 -15.77
N SER A 234 2.49 -24.68 -16.83
CA SER A 234 3.06 -26.02 -16.80
C SER A 234 4.25 -26.08 -15.87
N LYS A 235 4.43 -27.22 -15.19
CA LYS A 235 5.49 -27.35 -14.20
C LYS A 235 6.78 -27.89 -14.82
N PHE A 236 7.92 -27.36 -14.38
CA PHE A 236 9.21 -27.93 -14.75
C PHE A 236 10.16 -27.93 -13.57
N SER A 237 11.20 -28.75 -13.64
CA SER A 237 12.14 -28.91 -12.54
C SER A 237 13.49 -28.27 -12.83
N VAL A 238 14.08 -27.70 -11.79
CA VAL A 238 15.43 -27.15 -11.85
C VAL A 238 16.34 -27.98 -10.96
N TYR A 239 17.50 -28.35 -11.49
CA TYR A 239 18.40 -29.28 -10.79
C TYR A 239 19.77 -28.68 -10.50
N ASP A 240 19.98 -27.45 -10.97
CA ASP A 240 21.33 -26.89 -10.99
C ASP A 240 21.28 -25.39 -10.76
N VAL A 241 22.32 -24.85 -10.09
CA VAL A 241 22.38 -23.41 -9.87
C VAL A 241 22.56 -22.64 -11.19
N SER A 242 23.31 -23.23 -12.12
CA SER A 242 23.71 -22.54 -13.34
C SER A 242 22.53 -21.98 -14.14
N ILE A 243 21.46 -22.75 -14.25
CA ILE A 243 20.28 -22.33 -14.98
C ILE A 243 19.56 -21.12 -14.34
N LEU A 244 19.82 -20.88 -13.06
CA LEU A 244 19.17 -19.80 -12.34
C LEU A 244 19.97 -18.51 -12.34
N ILE A 245 21.21 -18.57 -12.83
CA ILE A 245 22.06 -17.37 -12.77
C ILE A 245 21.44 -16.14 -13.47
N PRO A 246 20.80 -16.33 -14.64
CA PRO A 246 20.13 -15.20 -15.28
C PRO A 246 18.77 -14.86 -14.68
N ILE A 247 18.34 -15.61 -13.67
CA ILE A 247 16.97 -15.51 -13.16
C ILE A 247 16.87 -14.84 -11.78
N ILE A 248 17.71 -15.29 -10.85
CA ILE A 248 17.68 -14.78 -9.47
C ILE A 248 18.93 -13.93 -9.18
N ALA A 249 18.72 -12.75 -8.61
CA ALA A 249 19.78 -11.74 -8.43
C ALA A 249 20.34 -11.67 -7.02
N LEU A 250 19.52 -12.02 -6.04
CA LEU A 250 19.85 -11.87 -4.62
C LEU A 250 19.27 -13.06 -3.88
N MET A 251 19.94 -13.52 -2.82
CA MET A 251 19.38 -14.56 -1.96
C MET A 251 19.44 -14.16 -0.50
N VAL A 252 18.48 -14.65 0.28
CA VAL A 252 18.55 -14.46 1.73
C VAL A 252 19.68 -15.35 2.25
N TYR A 253 20.47 -14.84 3.20
CA TYR A 253 21.60 -15.58 3.76
C TYR A 253 21.11 -16.82 4.50
N ARG A 254 21.72 -17.98 4.22
CA ARG A 254 21.39 -19.20 4.94
C ARG A 254 22.61 -19.71 5.72
N CYS A 255 22.40 -20.01 7.01
CA CYS A 255 23.47 -20.52 7.87
C CYS A 255 23.90 -21.94 7.48
N VAL B 1 -20.34 -0.47 18.02
CA VAL B 1 -20.43 0.97 17.78
C VAL B 1 -21.54 1.29 16.77
N GLN B 2 -22.47 2.14 17.19
CA GLN B 2 -23.55 2.59 16.32
C GLN B 2 -23.29 4.03 15.88
N LEU B 3 -23.62 4.32 14.63
CA LEU B 3 -23.49 5.68 14.10
C LEU B 3 -24.85 6.20 13.68
N VAL B 4 -25.20 7.41 14.14
CA VAL B 4 -26.48 8.03 13.80
C VAL B 4 -26.25 9.40 13.19
N GLU B 5 -26.66 9.58 11.93
CA GLU B 5 -26.50 10.86 11.25
C GLU B 5 -27.73 11.74 11.44
N SER B 6 -27.52 13.05 11.34
CA SER B 6 -28.63 14.00 11.35
C SER B 6 -28.18 15.28 10.66
N GLY B 7 -29.12 16.20 10.44
CA GLY B 7 -28.78 17.49 9.85
C GLY B 7 -28.98 17.59 8.36
N GLY B 8 -29.46 16.51 7.75
CA GLY B 8 -29.75 16.52 6.33
C GLY B 8 -30.94 17.43 6.07
N GLY B 9 -31.29 17.56 4.80
CA GLY B 9 -32.43 18.38 4.45
C GLY B 9 -32.33 18.96 3.07
N LEU B 10 -33.28 19.85 2.79
CA LEU B 10 -33.41 20.50 1.50
C LEU B 10 -32.91 21.94 1.59
N VAL B 11 -32.02 22.31 0.68
CA VAL B 11 -31.57 23.68 0.57
C VAL B 11 -31.63 24.11 -0.88
N GLN B 12 -31.67 25.42 -1.11
CA GLN B 12 -31.57 25.95 -2.46
C GLN B 12 -30.10 26.03 -2.84
N PRO B 13 -29.80 25.98 -4.14
CA PRO B 13 -28.40 26.11 -4.58
C PRO B 13 -27.73 27.32 -3.94
N GLY B 14 -26.52 27.14 -3.42
CA GLY B 14 -25.81 28.21 -2.73
C GLY B 14 -25.99 28.15 -1.23
N GLY B 15 -26.90 27.30 -0.77
CA GLY B 15 -27.18 27.14 0.65
C GLY B 15 -26.16 26.32 1.41
N SER B 16 -26.40 26.16 2.71
CA SER B 16 -25.48 25.44 3.59
C SER B 16 -26.22 24.44 4.46
N LEU B 17 -25.55 23.35 4.79
CA LEU B 17 -26.06 22.41 5.79
C LEU B 17 -24.89 21.96 6.63
N ARG B 18 -25.18 21.52 7.85
CA ARG B 18 -24.14 20.86 8.64
C ARG B 18 -24.66 19.49 9.04
N LEU B 19 -23.94 18.46 8.61
CA LEU B 19 -24.29 17.09 8.97
C LEU B 19 -23.63 16.72 10.28
N HIS B 20 -24.35 15.96 11.11
N HIS B 20 -24.36 15.96 11.11
CA HIS B 20 -23.84 15.53 12.40
CA HIS B 20 -23.85 15.54 12.40
C HIS B 20 -23.89 14.01 12.46
C HIS B 20 -23.91 14.02 12.51
N CYS B 21 -22.87 13.42 13.06
CA CYS B 21 -22.88 11.99 13.31
C CYS B 21 -22.48 11.73 14.75
N ALA B 22 -23.37 11.06 15.49
CA ALA B 22 -23.07 10.68 16.86
C ALA B 22 -22.73 9.19 16.93
N ALA B 23 -21.56 8.88 17.48
CA ALA B 23 -21.17 7.50 17.70
C ALA B 23 -21.58 7.07 19.11
N SER B 24 -22.00 5.82 19.25
CA SER B 24 -22.47 5.32 20.54
C SER B 24 -21.31 4.87 21.43
N GLY B 25 -20.12 4.81 20.85
CA GLY B 25 -18.94 4.40 21.58
C GLY B 25 -17.74 5.26 21.20
N SER B 26 -16.64 5.08 21.91
CA SER B 26 -15.45 5.89 21.70
C SER B 26 -14.90 5.74 20.28
N ILE B 27 -14.60 6.86 19.64
CA ILE B 27 -13.99 6.83 18.32
C ILE B 27 -12.52 7.26 18.39
N ALA B 28 -12.03 7.52 19.59
CA ALA B 28 -10.71 8.13 19.74
C ALA B 28 -9.60 7.32 19.08
N SER B 29 -9.72 6.00 19.12
CA SER B 29 -8.68 5.15 18.58
C SER B 29 -8.99 4.63 17.18
N ILE B 30 -10.11 5.07 16.62
CA ILE B 30 -10.51 4.62 15.30
C ILE B 30 -9.79 5.45 14.23
N TYR B 31 -8.99 4.80 13.40
CA TYR B 31 -8.11 5.51 12.48
C TYR B 31 -8.81 6.50 11.54
N ARG B 32 -9.82 6.04 10.78
CA ARG B 32 -10.52 6.87 9.80
C ARG B 32 -11.95 7.15 10.18
N THR B 33 -12.37 8.41 10.17
CA THR B 33 -13.79 8.73 10.25
C THR B 33 -14.09 9.57 9.02
N CYS B 34 -15.15 9.21 8.30
CA CYS B 34 -15.38 9.76 6.96
C CYS B 34 -16.84 10.04 6.71
N TRP B 35 -17.08 10.83 5.68
CA TRP B 35 -18.41 10.98 5.09
C TRP B 35 -18.36 10.48 3.65
N TYR B 36 -19.30 9.61 3.30
CA TYR B 36 -19.49 9.14 1.94
C TYR B 36 -20.84 9.63 1.46
N ARG B 37 -21.06 9.58 0.13
CA ARG B 37 -22.37 9.92 -0.39
C ARG B 37 -22.76 9.02 -1.56
N GLN B 38 -24.05 8.82 -1.74
CA GLN B 38 -24.55 7.97 -2.81
C GLN B 38 -25.74 8.65 -3.48
N GLY B 39 -25.54 9.05 -4.74
CA GLY B 39 -26.60 9.64 -5.52
C GLY B 39 -27.50 8.58 -6.10
N THR B 40 -28.68 8.98 -6.55
CA THR B 40 -29.66 8.04 -7.08
C THR B 40 -29.06 7.18 -8.20
N GLY B 41 -29.06 5.87 -8.00
CA GLY B 41 -28.64 4.94 -9.03
C GLY B 41 -27.14 4.89 -9.27
N LYS B 42 -26.38 5.46 -8.34
CA LYS B 42 -24.93 5.49 -8.45
C LYS B 42 -24.29 4.75 -7.29
N GLN B 43 -22.98 4.53 -7.37
CA GLN B 43 -22.26 3.88 -6.28
C GLN B 43 -21.82 4.89 -5.22
N ARG B 44 -21.65 4.39 -3.99
CA ARG B 44 -21.25 5.22 -2.87
C ARG B 44 -19.82 5.70 -3.09
N GLU B 45 -19.56 6.95 -2.74
CA GLU B 45 -18.27 7.58 -3.00
C GLU B 45 -17.79 8.38 -1.79
N LEU B 46 -16.48 8.37 -1.55
CA LEU B 46 -15.90 9.13 -0.44
C LEU B 46 -15.98 10.63 -0.69
N VAL B 47 -16.44 11.37 0.31
CA VAL B 47 -16.55 12.82 0.23
C VAL B 47 -15.40 13.49 1.00
N ALA B 48 -15.18 13.07 2.25
CA ALA B 48 -14.16 13.69 3.11
C ALA B 48 -13.80 12.74 4.24
N ALA B 49 -12.58 12.84 4.74
CA ALA B 49 -12.16 11.99 5.84
C ALA B 49 -11.21 12.75 6.76
N ILE B 50 -11.18 12.32 8.02
CA ILE B 50 -10.23 12.86 8.97
C ILE B 50 -9.69 11.72 9.83
N THR B 51 -8.38 11.71 10.05
CA THR B 51 -7.78 10.60 10.79
C THR B 51 -7.71 10.91 12.29
N SER B 52 -7.38 9.89 13.07
CA SER B 52 -7.28 10.06 14.51
C SER B 52 -6.13 11.00 14.86
N GLY B 53 -5.22 11.19 13.91
CA GLY B 53 -4.11 12.11 14.08
C GLY B 53 -4.43 13.53 13.61
N GLY B 54 -5.58 13.70 12.95
CA GLY B 54 -6.00 15.04 12.54
C GLY B 54 -5.78 15.40 11.09
N ASN B 55 -5.20 14.49 10.31
CA ASN B 55 -4.98 14.72 8.87
C ASN B 55 -6.31 14.62 8.12
N THR B 56 -6.47 15.38 7.04
CA THR B 56 -7.76 15.41 6.34
C THR B 56 -7.64 15.13 4.85
N TYR B 57 -8.73 14.65 4.28
CA TYR B 57 -8.81 14.38 2.85
C TYR B 57 -10.15 14.88 2.34
N TYR B 58 -10.14 15.52 1.19
CA TYR B 58 -11.37 15.96 0.52
C TYR B 58 -11.40 15.50 -0.93
N ALA B 59 -12.55 14.99 -1.37
CA ALA B 59 -12.71 14.71 -2.81
C ALA B 59 -12.62 16.01 -3.58
N ASP B 60 -12.04 15.96 -4.78
CA ASP B 60 -11.89 17.14 -5.63
C ASP B 60 -13.20 17.92 -5.74
N SER B 61 -14.29 17.19 -5.93
CA SER B 61 -15.60 17.81 -6.15
C SER B 61 -16.08 18.74 -5.03
N VAL B 62 -15.53 18.58 -3.82
CA VAL B 62 -16.01 19.35 -2.67
C VAL B 62 -14.96 20.21 -1.97
N LYS B 63 -13.71 20.14 -2.44
CA LYS B 63 -12.65 20.94 -1.85
C LYS B 63 -13.03 22.41 -1.79
N GLY B 64 -12.79 23.04 -0.64
CA GLY B 64 -13.07 24.45 -0.46
C GLY B 64 -14.47 24.73 0.09
N ARG B 65 -15.39 23.81 -0.17
CA ARG B 65 -16.80 24.02 0.18
C ARG B 65 -17.18 23.29 1.46
N PHE B 66 -16.61 22.11 1.66
CA PHE B 66 -16.96 21.26 2.78
C PHE B 66 -15.82 21.23 3.80
N THR B 67 -16.16 21.11 5.07
CA THR B 67 -15.16 20.97 6.11
C THR B 67 -15.56 19.82 7.03
N ILE B 68 -14.67 18.85 7.18
CA ILE B 68 -14.97 17.76 8.09
C ILE B 68 -14.28 18.01 9.43
N SER B 69 -14.98 17.65 10.50
CA SER B 69 -14.43 17.83 11.83
C SER B 69 -14.72 16.60 12.66
N ARG B 70 -13.96 16.42 13.72
CA ARG B 70 -14.05 15.23 14.50
C ARG B 70 -13.78 15.58 15.96
N ASP B 71 -14.64 15.10 16.86
CA ASP B 71 -14.45 15.33 18.30
C ASP B 71 -14.30 13.99 19.01
N ASN B 72 -13.08 13.70 19.44
CA ASN B 72 -12.76 12.39 20.02
C ASN B 72 -13.16 12.23 21.48
N ALA B 73 -13.67 13.30 22.09
CA ALA B 73 -14.13 13.23 23.47
C ALA B 73 -15.64 13.03 23.50
N LYS B 74 -16.35 13.72 22.61
CA LYS B 74 -17.79 13.59 22.50
C LYS B 74 -18.20 12.47 21.55
N ASN B 75 -17.25 11.97 20.78
CA ASN B 75 -17.50 10.90 19.80
C ASN B 75 -18.48 11.31 18.71
N THR B 76 -18.14 12.41 18.03
CA THR B 76 -18.96 12.94 16.96
C THR B 76 -18.09 13.28 15.77
N ILE B 77 -18.73 13.32 14.60
CA ILE B 77 -18.06 13.62 13.36
C ILE B 77 -19.01 14.51 12.58
N ASP B 78 -18.51 15.66 12.12
CA ASP B 78 -19.37 16.65 11.48
C ASP B 78 -18.92 16.95 10.06
N LEU B 79 -19.87 17.36 9.23
CA LEU B 79 -19.53 17.83 7.89
C LEU B 79 -20.25 19.14 7.61
N GLN B 80 -19.48 20.22 7.56
CA GLN B 80 -20.03 21.52 7.22
C GLN B 80 -20.03 21.65 5.71
N MET B 81 -21.20 21.91 5.14
CA MET B 81 -21.34 21.94 3.69
C MET B 81 -21.81 23.31 3.24
N ASN B 82 -20.93 24.03 2.55
CA ASN B 82 -21.26 25.38 2.08
C ASN B 82 -21.34 25.42 0.56
N SER B 83 -22.01 26.44 0.05
CA SER B 83 -22.10 26.65 -1.40
C SER B 83 -22.59 25.39 -2.11
N LEU B 84 -23.70 24.84 -1.62
CA LEU B 84 -24.22 23.59 -2.16
C LEU B 84 -24.75 23.74 -3.58
N LYS B 85 -24.63 22.64 -4.34
CA LYS B 85 -25.02 22.60 -5.74
C LYS B 85 -25.95 21.41 -5.94
N PRO B 86 -26.81 21.47 -6.95
CA PRO B 86 -27.70 20.33 -7.23
C PRO B 86 -26.93 19.01 -7.31
N GLU B 87 -25.73 19.06 -7.88
CA GLU B 87 -24.88 17.88 -7.97
C GLU B 87 -24.54 17.25 -6.62
N ASP B 88 -24.73 18.00 -5.53
CA ASP B 88 -24.42 17.49 -4.20
C ASP B 88 -25.58 16.67 -3.63
N THR B 89 -26.68 16.62 -4.35
CA THR B 89 -27.84 15.85 -3.93
C THR B 89 -27.49 14.37 -3.83
N ALA B 90 -27.72 13.78 -2.65
CA ALA B 90 -27.35 12.40 -2.40
C ALA B 90 -27.73 12.01 -0.98
N VAL B 91 -27.67 10.72 -0.69
CA VAL B 91 -27.74 10.25 0.69
C VAL B 91 -26.31 10.25 1.23
N TYR B 92 -26.09 10.96 2.34
CA TYR B 92 -24.76 11.03 2.96
C TYR B 92 -24.66 10.03 4.10
N TYR B 93 -23.55 9.29 4.15
CA TYR B 93 -23.32 8.31 5.21
C TYR B 93 -22.09 8.62 6.00
N CYS B 94 -22.14 8.47 7.32
CA CYS B 94 -20.94 8.56 8.14
CA CYS B 94 -20.93 8.55 8.11
C CYS B 94 -20.33 7.17 8.28
N ASN B 95 -19.00 7.12 8.36
CA ASN B 95 -18.25 5.89 8.41
C ASN B 95 -17.13 6.01 9.43
N ALA B 96 -17.00 5.02 10.30
CA ALA B 96 -15.90 4.97 11.25
C ALA B 96 -15.16 3.66 11.00
N ASP B 97 -13.90 3.76 10.58
CA ASP B 97 -13.18 2.61 10.03
C ASP B 97 -11.79 2.45 10.65
N GLU B 98 -11.56 1.30 11.30
CA GLU B 98 -10.27 1.06 11.93
C GLU B 98 -9.17 0.89 10.86
N ALA B 99 -9.59 0.41 9.70
CA ALA B 99 -8.74 0.38 8.50
C ALA B 99 -7.43 -0.41 8.66
N GLY B 100 -7.44 -1.43 9.50
CA GLY B 100 -6.29 -2.30 9.63
C GLY B 100 -5.30 -1.87 10.69
N ILE B 101 -5.58 -0.75 11.36
CA ILE B 101 -4.81 -0.32 12.53
C ILE B 101 -5.60 -0.61 13.79
N GLY B 102 -5.09 -1.51 14.63
CA GLY B 102 -5.78 -1.89 15.85
C GLY B 102 -6.85 -2.95 15.61
N GLY B 103 -7.34 -3.02 14.37
CA GLY B 103 -8.38 -3.98 14.05
C GLY B 103 -9.00 -3.72 12.68
N PHE B 104 -10.11 -4.40 12.42
CA PHE B 104 -10.71 -4.31 11.08
C PHE B 104 -12.18 -3.89 11.08
N ASN B 105 -12.66 -3.41 12.22
CA ASN B 105 -14.06 -3.00 12.33
C ASN B 105 -14.33 -1.76 11.47
N ASP B 106 -15.52 -1.73 10.86
CA ASP B 106 -15.89 -0.72 9.88
C ASP B 106 -17.36 -0.43 10.09
N TYR B 107 -17.67 0.72 10.70
CA TYR B 107 -19.03 1.03 11.09
C TYR B 107 -19.65 2.05 10.15
N TRP B 108 -20.91 1.83 9.81
CA TRP B 108 -21.64 2.72 8.91
C TRP B 108 -22.93 3.22 9.56
N GLY B 109 -23.25 4.49 9.30
CA GLY B 109 -24.52 5.03 9.72
C GLY B 109 -25.60 4.64 8.72
N GLN B 110 -26.83 4.98 9.04
CA GLN B 110 -27.98 4.60 8.23
C GLN B 110 -28.18 5.55 7.04
N GLY B 111 -27.51 6.69 7.08
CA GLY B 111 -27.57 7.65 5.98
C GLY B 111 -28.61 8.73 6.16
N THR B 112 -28.35 9.90 5.58
CA THR B 112 -29.29 11.01 5.63
C THR B 112 -29.36 11.71 4.28
N GLN B 113 -30.58 12.05 3.85
CA GLN B 113 -30.76 12.66 2.54
C GLN B 113 -30.41 14.15 2.54
N VAL B 114 -29.64 14.55 1.54
CA VAL B 114 -29.38 15.95 1.25
C VAL B 114 -29.92 16.24 -0.15
N THR B 115 -30.73 17.30 -0.27
CA THR B 115 -31.29 17.67 -1.56
C THR B 115 -31.04 19.14 -1.82
N VAL B 116 -30.42 19.45 -2.95
CA VAL B 116 -30.16 20.84 -3.31
C VAL B 116 -30.97 21.11 -4.57
N SER B 117 -31.96 21.97 -4.44
CA SER B 117 -32.94 22.16 -5.51
C SER B 117 -33.68 23.47 -5.37
N SER B 118 -34.18 24.00 -6.48
CA SER B 118 -35.16 25.07 -6.45
C SER B 118 -36.47 24.48 -5.98
N ALA B 119 -37.45 25.34 -5.70
CA ALA B 119 -38.77 24.87 -5.32
C ALA B 119 -39.34 23.92 -6.37
N HIS B 120 -40.07 22.91 -5.90
CA HIS B 120 -40.78 22.03 -6.82
C HIS B 120 -41.93 22.80 -7.44
N HIS B 121 -42.46 22.27 -8.55
CA HIS B 121 -43.67 22.82 -9.15
C HIS B 121 -44.70 21.69 -9.28
N SER B 122 -45.43 21.45 -8.20
CA SER B 122 -46.37 20.34 -8.13
C SER B 122 -47.55 20.53 -9.09
ZN ZN C . 17.21 0.24 19.21
C ACY D . 17.35 1.90 21.52
O ACY D . 17.74 0.88 22.11
OXT ACY D . 17.08 1.92 20.31
CH3 ACY D . 17.20 3.18 22.31
CL CL E . 0.19 -6.54 18.07
CL CL F . 12.77 -5.03 -22.30
CL CL G . 29.36 -23.21 -7.62
CL CL H . 8.41 10.54 0.89
CL CL I . 13.59 7.83 -11.56
CL CL J . 18.33 -13.15 18.35
C1 EDO K . -4.24 -0.20 -7.26
O1 EDO K . -3.93 -0.10 -8.67
C2 EDO K . -4.04 1.13 -6.54
O2 EDO K . -5.19 1.99 -6.75
C1 EDO L . 6.62 1.42 14.98
O1 EDO L . 7.90 1.65 15.57
C2 EDO L . 5.51 1.71 15.99
O2 EDO L . 5.83 2.91 16.72
ZN ZN M . -42.40 17.80 -4.71
ZN ZN N . -22.34 17.91 15.26
C ACY O . -21.35 19.93 16.72
O ACY O . -21.27 20.10 15.50
OXT ACY O . -21.56 18.83 17.26
CH3 ACY O . -21.18 21.15 17.58
CL CL P . -48.34 25.26 -6.35
CL CL Q . -26.70 12.72 14.83
#